data_4MX1
#
_entry.id   4MX1
#
_cell.length_a   68.102
_cell.length_b   68.102
_cell.length_c   140.532
_cell.angle_alpha   90.000
_cell.angle_beta   90.000
_cell.angle_gamma   90.000
#
_symmetry.space_group_name_H-M   'P 41 21 2'
#
loop_
_entity.id
_entity.type
_entity.pdbx_description
1 polymer 'Ricin A chain'
2 non-polymer 2-amino-4-oxo-N-{2-[(phenylcarbamoyl)amino]ethyl}-3,4-dihydropteridine-7-carboxamide
3 non-polymer 'SULFATE ION'
4 non-polymer 'MALONIC ACID'
5 water water
#
_entity_poly.entity_id   1
_entity_poly.type   'polypeptide(L)'
_entity_poly.pdbx_seq_one_letter_code
;MIFPKQYPIINFTTAGATVQSYTNFIRAVRGRLTTGADVRHEIPVLPNRVGLPINQRFILVELSNHAELSVTLALDVTNA
YVVGYRAGNSAYFFHPDNQEDAEAITHLFTDVQNRYTFAFGGNYDRLEQLAGNLRENIELGNGPLEEAISALYYYSTGGT
QLPTLARSFIICIQMISEAARFQYIEGEMRTRIRYNRRSAPDPSVITLENSWGRLSTAIQESNQGAFASPIQLQRRNGSK
FSVYDVSILIPIIALMVYRCAPPPSSQF
;
_entity_poly.pdbx_strand_id   A
#
# COMPACT_ATOMS: atom_id res chain seq x y z
N MET A 1 14.46 30.31 -2.04
CA MET A 1 15.28 29.09 -1.76
C MET A 1 14.59 27.82 -2.26
N ILE A 2 14.93 26.69 -1.64
CA ILE A 2 14.29 25.36 -1.82
C ILE A 2 15.11 24.26 -1.04
N PHE A 3 15.03 24.33 0.32
CA PHE A 3 15.59 23.32 1.29
C PHE A 3 15.74 21.91 0.61
N PRO A 4 16.95 21.26 0.72
CA PRO A 4 17.44 20.10 -0.14
C PRO A 4 16.46 18.91 -0.55
N LYS A 5 16.95 17.99 -1.41
CA LYS A 5 16.28 16.68 -1.74
C LYS A 5 14.87 16.73 -2.43
N GLN A 6 13.80 16.50 -1.64
CA GLN A 6 12.43 16.18 -2.09
C GLN A 6 12.20 14.65 -2.41
N TYR A 7 11.12 14.13 -1.87
CA TYR A 7 10.81 12.70 -1.96
C TYR A 7 10.69 12.18 -3.39
N PRO A 8 11.08 10.92 -3.62
CA PRO A 8 11.04 10.26 -4.92
C PRO A 8 9.56 10.16 -5.35
N ILE A 9 9.34 10.26 -6.66
CA ILE A 9 7.99 10.16 -7.27
C ILE A 9 8.06 9.01 -8.27
N ILE A 10 7.06 8.15 -8.24
CA ILE A 10 6.90 7.12 -9.25
C ILE A 10 5.55 7.40 -9.96
N ASN A 11 5.55 7.28 -11.28
CA ASN A 11 4.36 7.65 -12.08
C ASN A 11 3.67 6.38 -12.54
N PHE A 12 2.34 6.37 -12.57
CA PHE A 12 1.58 5.28 -13.20
C PHE A 12 0.32 5.89 -13.83
N THR A 13 -0.06 5.40 -15.00
CA THR A 13 -1.37 5.73 -15.52
C THR A 13 -2.19 4.51 -15.86
N THR A 14 -3.46 4.63 -15.56
CA THR A 14 -4.44 3.64 -15.98
C THR A 14 -4.72 3.68 -17.47
N ALA A 15 -4.47 4.86 -18.10
CA ALA A 15 -4.77 4.94 -19.54
C ALA A 15 -3.84 3.99 -20.36
N GLY A 16 -4.48 3.01 -21.01
CA GLY A 16 -3.72 2.05 -21.86
C GLY A 16 -2.79 1.14 -21.01
N ALA A 17 -3.12 0.94 -19.72
CA ALA A 17 -2.21 0.18 -18.98
C ALA A 17 -2.23 -1.28 -19.40
N THR A 18 -1.09 -1.89 -19.17
CA THR A 18 -0.89 -3.28 -19.53
C THR A 18 -0.25 -4.00 -18.35
N VAL A 19 -0.21 -5.35 -18.46
CA VAL A 19 0.51 -6.13 -17.42
C VAL A 19 1.94 -5.60 -17.27
N GLN A 20 2.64 -5.33 -18.37
CA GLN A 20 4.01 -4.87 -18.25
C GLN A 20 4.12 -3.49 -17.61
N SER A 21 3.21 -2.54 -17.96
CA SER A 21 3.39 -1.23 -17.39
C SER A 21 3.04 -1.25 -15.87
N TYR A 22 2.06 -2.08 -15.54
CA TYR A 22 1.73 -2.16 -14.09
C TYR A 22 2.89 -2.86 -13.33
N THR A 23 3.44 -3.89 -13.93
CA THR A 23 4.59 -4.59 -13.28
C THR A 23 5.77 -3.63 -13.10
N ASN A 24 6.05 -2.81 -14.13
CA ASN A 24 7.12 -1.89 -13.99
C ASN A 24 6.91 -0.91 -12.83
N PHE A 25 5.62 -0.44 -12.71
CA PHE A 25 5.21 0.47 -11.66
C PHE A 25 5.45 -0.18 -10.28
N ILE A 26 4.88 -1.37 -10.10
CA ILE A 26 5.02 -1.98 -8.72
C ILE A 26 6.50 -2.24 -8.35
N ARG A 27 7.28 -2.76 -9.33
CA ARG A 27 8.74 -2.99 -9.14
C ARG A 27 9.41 -1.67 -8.73
N ALA A 28 9.01 -0.54 -9.40
CA ALA A 28 9.62 0.70 -9.02
C ALA A 28 9.23 1.15 -7.62
N VAL A 29 7.94 0.93 -7.22
CA VAL A 29 7.50 1.32 -5.88
C VAL A 29 8.33 0.50 -4.87
N ARG A 30 8.45 -0.83 -5.07
CA ARG A 30 9.24 -1.64 -4.13
C ARG A 30 10.69 -1.16 -4.04
N GLY A 31 11.21 -0.76 -5.20
CA GLY A 31 12.61 -0.25 -5.24
C GLY A 31 12.83 1.02 -4.43
N ARG A 32 11.79 1.88 -4.34
CA ARG A 32 11.89 3.08 -3.51
C ARG A 32 11.52 2.87 -2.09
N LEU A 33 10.75 1.78 -1.77
CA LEU A 33 10.40 1.54 -0.41
C LEU A 33 11.55 0.89 0.39
N THR A 34 12.32 0.01 -0.23
CA THR A 34 13.43 -0.68 0.45
C THR A 34 14.78 -0.14 0.03
N THR A 35 15.74 -0.40 0.87
CA THR A 35 17.10 0.11 0.63
C THR A 35 18.07 -0.99 0.19
N GLY A 36 17.70 -2.25 0.42
CA GLY A 36 18.63 -3.37 0.31
C GLY A 36 19.42 -3.64 1.59
N ALA A 37 19.26 -2.86 2.65
CA ALA A 37 19.92 -3.06 3.91
C ALA A 37 19.48 -4.36 4.58
N ASP A 38 18.31 -4.89 4.22
CA ASP A 38 17.68 -5.77 5.21
C ASP A 38 16.88 -6.76 4.43
N VAL A 39 17.36 -8.00 4.36
CA VAL A 39 16.68 -9.02 3.59
C VAL A 39 16.79 -10.26 4.44
N ARG A 40 15.65 -10.90 4.73
CA ARG A 40 15.65 -12.09 5.58
C ARG A 40 14.91 -13.23 4.88
N HIS A 41 15.57 -14.40 4.72
CA HIS A 41 14.96 -15.49 4.00
C HIS A 41 14.60 -15.09 2.60
N GLU A 42 15.42 -14.19 2.01
CA GLU A 42 15.24 -13.71 0.66
C GLU A 42 14.11 -12.65 0.53
N ILE A 43 13.55 -12.28 1.69
CA ILE A 43 12.45 -11.29 1.69
C ILE A 43 12.87 -9.95 2.29
N PRO A 44 12.81 -8.89 1.48
CA PRO A 44 13.19 -7.55 1.91
C PRO A 44 12.34 -7.06 3.09
N VAL A 45 12.97 -6.37 3.98
CA VAL A 45 12.29 -5.74 5.11
C VAL A 45 12.34 -4.20 4.89
N LEU A 46 11.19 -3.54 5.14
CA LEU A 46 11.12 -2.07 5.11
C LEU A 46 11.99 -1.39 6.18
N PRO A 47 12.45 -0.14 5.89
CA PRO A 47 13.20 0.55 6.95
C PRO A 47 12.56 0.61 8.30
N ASN A 48 13.38 0.45 9.33
CA ASN A 48 12.93 0.70 10.67
C ASN A 48 12.53 2.16 10.93
N ARG A 49 11.36 2.39 11.48
CA ARG A 49 10.91 3.75 11.81
C ARG A 49 11.85 4.44 12.81
N VAL A 50 12.50 3.62 13.67
CA VAL A 50 13.33 4.16 14.77
C VAL A 50 14.62 4.80 14.21
N GLY A 51 14.74 6.13 14.40
CA GLY A 51 15.92 6.85 13.87
C GLY A 51 15.89 7.16 12.38
N LEU A 52 14.78 6.82 11.64
CA LEU A 52 14.76 7.09 10.24
C LEU A 52 14.63 8.59 9.94
N PRO A 53 15.59 9.18 9.20
CA PRO A 53 15.49 10.62 9.01
C PRO A 53 14.27 11.06 8.19
N ILE A 54 13.72 12.22 8.54
CA ILE A 54 12.46 12.70 7.85
C ILE A 54 12.64 12.79 6.33
N ASN A 55 13.86 13.05 5.81
CA ASN A 55 14.07 13.15 4.39
C ASN A 55 14.01 11.88 3.58
N GLN A 56 13.88 10.75 4.31
CA GLN A 56 13.88 9.42 3.75
C GLN A 56 12.57 8.72 4.09
N ARG A 57 11.60 9.49 4.60
CA ARG A 57 10.45 8.83 5.28
C ARG A 57 9.30 8.47 4.28
N PHE A 58 9.15 9.25 3.23
CA PHE A 58 8.08 9.07 2.24
C PHE A 58 8.49 8.84 0.80
N ILE A 59 7.57 8.25 0.03
CA ILE A 59 7.62 8.27 -1.44
C ILE A 59 6.27 8.78 -1.98
N LEU A 60 6.30 9.22 -3.20
CA LEU A 60 5.10 9.84 -3.83
C LEU A 60 4.75 8.98 -5.02
N VAL A 61 3.46 8.74 -5.19
CA VAL A 61 2.95 7.98 -6.33
C VAL A 61 2.01 8.85 -7.10
N GLU A 62 2.42 9.22 -8.30
CA GLU A 62 1.59 10.15 -9.07
C GLU A 62 0.71 9.33 -10.02
N LEU A 63 -0.60 9.35 -9.81
CA LEU A 63 -1.50 8.52 -10.63
C LEU A 63 -2.19 9.42 -11.64
N SER A 64 -2.26 8.97 -12.88
CA SER A 64 -3.05 9.67 -13.86
C SER A 64 -4.01 8.70 -14.54
N ASN A 65 -4.98 9.32 -15.22
CA ASN A 65 -6.28 8.93 -15.81
C ASN A 65 -6.34 8.98 -17.31
N HIS A 66 -7.12 8.09 -17.93
CA HIS A 66 -7.54 8.37 -19.35
C HIS A 66 -8.35 9.70 -19.39
N ALA A 67 -9.05 10.02 -18.30
CA ALA A 67 -9.75 11.31 -18.15
C ALA A 67 -8.84 12.53 -18.08
N GLU A 68 -7.51 12.33 -18.13
CA GLU A 68 -6.48 13.38 -18.03
C GLU A 68 -6.46 14.03 -16.68
N LEU A 69 -6.72 13.26 -15.64
CA LEU A 69 -6.64 13.81 -14.30
C LEU A 69 -5.47 13.16 -13.60
N SER A 70 -4.99 13.84 -12.57
CA SER A 70 -3.81 13.30 -11.77
C SER A 70 -4.01 13.60 -10.27
N VAL A 71 -3.65 12.61 -9.46
CA VAL A 71 -3.60 12.75 -8.02
C VAL A 71 -2.25 12.18 -7.58
N THR A 72 -1.74 12.65 -6.46
CA THR A 72 -0.47 12.12 -5.92
C THR A 72 -0.65 11.55 -4.57
N LEU A 73 -0.41 10.24 -4.43
CA LEU A 73 -0.52 9.62 -3.11
C LEU A 73 0.84 9.69 -2.42
N ALA A 74 0.78 9.82 -1.09
CA ALA A 74 2.03 9.79 -0.27
C ALA A 74 2.05 8.48 0.51
N LEU A 75 3.14 7.70 0.36
CA LEU A 75 3.31 6.43 1.11
C LEU A 75 4.46 6.58 2.13
N ASP A 76 4.21 6.02 3.29
CA ASP A 76 5.19 5.96 4.37
C ASP A 76 6.10 4.73 4.07
N VAL A 77 7.45 4.94 3.99
CA VAL A 77 8.32 3.82 3.67
C VAL A 77 8.39 2.74 4.74
N THR A 78 7.97 3.04 5.94
CA THR A 78 8.11 2.10 7.07
C THR A 78 7.11 0.98 6.92
N ASN A 79 6.00 1.24 6.16
CA ASN A 79 4.90 0.24 6.20
C ASN A 79 4.13 0.26 4.90
N ALA A 80 4.61 1.03 3.91
CA ALA A 80 3.91 1.18 2.58
C ALA A 80 2.48 1.77 2.68
N TYR A 81 2.17 2.40 3.80
CA TYR A 81 0.79 2.91 4.02
CA TYR A 81 0.82 2.88 4.06
C TYR A 81 0.55 4.17 3.30
N VAL A 82 -0.67 4.29 2.69
CA VAL A 82 -1.03 5.56 2.04
C VAL A 82 -1.49 6.52 3.13
N VAL A 83 -0.73 7.59 3.34
CA VAL A 83 -1.04 8.46 4.50
C VAL A 83 -1.86 9.65 4.06
N GLY A 84 -1.91 9.93 2.78
CA GLY A 84 -2.68 11.10 2.28
C GLY A 84 -2.51 11.25 0.84
N TYR A 85 -3.10 12.30 0.30
CA TYR A 85 -2.93 12.58 -1.09
C TYR A 85 -3.12 14.03 -1.39
N ARG A 86 -2.59 14.40 -2.55
CA ARG A 86 -2.81 15.75 -3.17
C ARG A 86 -3.58 15.68 -4.49
N ALA A 87 -4.57 16.59 -4.63
CA ALA A 87 -5.24 16.79 -5.93
C ALA A 87 -5.23 18.31 -6.16
N GLY A 88 -4.37 18.79 -7.07
CA GLY A 88 -4.22 20.22 -7.38
C GLY A 88 -3.87 20.99 -6.12
N ASN A 89 -4.80 21.88 -5.68
CA ASN A 89 -4.52 22.82 -4.53
C ASN A 89 -5.02 22.37 -3.19
N SER A 90 -5.45 21.10 -3.08
CA SER A 90 -5.89 20.57 -1.82
C SER A 90 -5.03 19.30 -1.52
N ALA A 91 -4.71 19.14 -0.25
CA ALA A 91 -4.22 17.82 0.25
C ALA A 91 -5.01 17.31 1.43
N TYR A 92 -5.10 16.00 1.59
CA TYR A 92 -5.89 15.42 2.62
C TYR A 92 -5.07 14.31 3.26
N PHE A 93 -5.01 14.29 4.57
CA PHE A 93 -4.30 13.23 5.30
C PHE A 93 -5.23 12.48 6.21
N PHE A 94 -5.04 11.18 6.35
CA PHE A 94 -5.76 10.40 7.32
C PHE A 94 -5.34 10.86 8.74
N HIS A 95 -6.26 10.66 9.67
CA HIS A 95 -5.92 10.94 11.06
C HIS A 95 -4.66 10.18 11.49
N PRO A 96 -3.65 10.92 11.94
CA PRO A 96 -2.42 10.21 12.38
C PRO A 96 -2.59 9.40 13.66
N ASP A 97 -1.82 8.30 13.75
CA ASP A 97 -1.82 7.34 14.83
C ASP A 97 -1.15 7.92 16.08
N ASN A 98 -0.29 8.89 15.87
CA ASN A 98 0.50 9.43 17.00
C ASN A 98 1.11 10.81 16.66
N GLN A 99 1.63 11.49 17.69
CA GLN A 99 2.25 12.78 17.46
C GLN A 99 3.41 12.83 16.46
N GLU A 100 4.32 11.85 16.53
CA GLU A 100 5.46 11.79 15.65
C GLU A 100 4.97 11.70 14.14
N ASP A 101 3.99 10.84 13.88
CA ASP A 101 3.37 10.84 12.52
C ASP A 101 2.72 12.16 12.07
N ALA A 102 2.03 12.82 13.00
CA ALA A 102 1.48 14.15 12.68
C ALA A 102 2.52 15.17 12.26
N GLU A 103 3.69 15.17 12.97
CA GLU A 103 4.79 16.04 12.58
C GLU A 103 5.32 15.59 11.25
N ALA A 104 5.45 14.27 11.03
CA ALA A 104 6.06 13.87 9.82
C ALA A 104 5.26 14.31 8.61
N ILE A 105 3.92 14.24 8.73
CA ILE A 105 3.14 14.56 7.53
C ILE A 105 3.11 16.07 7.19
N THR A 106 3.57 16.91 8.17
CA THR A 106 3.80 18.31 7.79
C THR A 106 4.89 18.51 6.78
N HIS A 107 5.72 17.48 6.54
CA HIS A 107 6.74 17.53 5.52
C HIS A 107 6.32 17.16 4.11
N LEU A 108 5.06 16.80 3.97
CA LEU A 108 4.47 16.45 2.68
C LEU A 108 3.65 17.62 2.08
N PHE A 109 3.78 17.79 0.77
CA PHE A 109 2.87 18.68 -0.03
C PHE A 109 2.92 20.10 0.58
N THR A 110 4.15 20.57 0.76
CA THR A 110 4.32 21.69 1.72
C THR A 110 3.80 23.01 1.14
N ASP A 111 3.66 23.10 -0.19
CA ASP A 111 3.14 24.34 -0.81
C ASP A 111 1.67 24.29 -1.30
N VAL A 112 0.93 23.24 -0.94
CA VAL A 112 -0.50 23.27 -1.23
C VAL A 112 -1.21 24.37 -0.45
N GLN A 113 -2.14 25.08 -1.09
CA GLN A 113 -2.95 26.11 -0.36
C GLN A 113 -3.86 25.57 0.75
N ASN A 114 -4.49 24.41 0.50
CA ASN A 114 -5.49 23.88 1.39
C ASN A 114 -5.09 22.51 1.90
N ARG A 115 -4.83 22.44 3.20
CA ARG A 115 -4.44 21.22 3.90
C ARG A 115 -5.45 20.78 4.91
N TYR A 116 -5.88 19.54 4.80
CA TYR A 116 -6.86 19.03 5.72
C TYR A 116 -6.39 17.72 6.23
N THR A 117 -6.75 17.44 7.48
CA THR A 117 -6.54 16.18 8.10
C THR A 117 -7.93 15.67 8.38
N PHE A 118 -8.27 14.57 7.77
CA PHE A 118 -9.52 13.87 8.11
C PHE A 118 -9.62 13.59 9.57
N ALA A 119 -10.83 13.58 10.12
CA ALA A 119 -10.93 13.15 11.45
C ALA A 119 -10.91 11.65 11.68
N PHE A 120 -10.89 10.83 10.61
CA PHE A 120 -10.90 9.34 10.69
C PHE A 120 -9.48 8.86 10.20
N GLY A 121 -9.14 7.69 10.72
CA GLY A 121 -7.84 7.06 10.29
C GLY A 121 -8.15 6.37 9.00
N GLY A 122 -7.06 5.92 8.36
CA GLY A 122 -7.11 5.29 7.02
C GLY A 122 -7.05 3.78 7.02
N ASN A 123 -7.26 3.05 8.10
CA ASN A 123 -7.30 1.56 8.10
C ASN A 123 -8.51 1.03 7.37
N TYR A 124 -8.46 -0.19 6.87
CA TYR A 124 -9.57 -0.78 6.05
C TYR A 124 -10.86 -0.76 6.85
N ASP A 125 -10.82 -1.12 8.12
CA ASP A 125 -12.08 -1.21 8.88
CA ASP A 125 -12.08 -1.18 8.82
C ASP A 125 -12.84 0.14 8.85
N ARG A 126 -12.15 1.21 9.14
CA ARG A 126 -12.73 2.55 9.12
C ARG A 126 -13.25 2.86 7.67
N LEU A 127 -12.46 2.49 6.66
CA LEU A 127 -12.82 2.93 5.31
C LEU A 127 -14.00 2.14 4.82
N GLU A 128 -14.07 0.88 5.19
CA GLU A 128 -15.19 0.01 4.83
C GLU A 128 -16.46 0.61 5.48
N GLN A 129 -16.38 0.96 6.75
CA GLN A 129 -17.58 1.60 7.39
C GLN A 129 -17.99 2.82 6.57
N LEU A 130 -17.07 3.72 6.26
CA LEU A 130 -17.43 4.90 5.51
C LEU A 130 -17.99 4.59 4.10
N ALA A 131 -17.41 3.55 3.48
CA ALA A 131 -17.83 3.19 2.11
C ALA A 131 -19.18 2.50 2.08
N GLY A 132 -19.59 1.98 3.23
CA GLY A 132 -20.79 1.17 3.21
C GLY A 132 -20.62 -0.13 2.48
N ASN A 133 -19.35 -0.55 2.26
CA ASN A 133 -19.04 -1.82 1.66
C ASN A 133 -17.74 -2.39 2.18
N LEU A 134 -17.72 -3.72 2.31
CA LEU A 134 -16.47 -4.45 2.67
C LEU A 134 -15.57 -4.62 1.42
N ARG A 135 -14.26 -4.74 1.67
CA ARG A 135 -13.37 -5.15 0.59
C ARG A 135 -13.87 -6.26 -0.28
N GLU A 136 -14.49 -7.30 0.29
CA GLU A 136 -14.94 -8.41 -0.55
C GLU A 136 -16.03 -8.08 -1.56
N ASN A 137 -16.64 -6.93 -1.38
CA ASN A 137 -17.69 -6.42 -2.29
C ASN A 137 -17.28 -5.25 -3.13
N ILE A 138 -15.96 -4.90 -3.18
CA ILE A 138 -15.49 -3.77 -3.96
C ILE A 138 -14.59 -4.24 -5.11
N GLU A 139 -15.06 -4.06 -6.35
CA GLU A 139 -14.27 -4.60 -7.44
C GLU A 139 -12.98 -3.83 -7.62
N LEU A 140 -11.95 -4.60 -8.00
CA LEU A 140 -10.59 -4.01 -8.29
C LEU A 140 -10.28 -4.28 -9.75
N GLY A 141 -9.31 -3.53 -10.26
CA GLY A 141 -8.83 -3.70 -11.63
C GLY A 141 -8.57 -2.31 -12.20
N ASN A 142 -8.29 -2.28 -13.48
CA ASN A 142 -7.89 -1.02 -14.10
C ASN A 142 -9.07 -0.05 -14.18
N GLY A 143 -10.29 -0.52 -14.46
CA GLY A 143 -11.45 0.36 -14.44
C GLY A 143 -11.76 0.99 -13.10
N PRO A 144 -11.80 0.16 -12.04
CA PRO A 144 -11.95 0.73 -10.67
C PRO A 144 -10.86 1.76 -10.43
N LEU A 145 -9.61 1.46 -10.79
CA LEU A 145 -8.53 2.44 -10.53
C LEU A 145 -8.74 3.82 -11.25
N GLU A 146 -9.06 3.71 -12.54
CA GLU A 146 -9.32 4.91 -13.37
C GLU A 146 -10.43 5.73 -12.70
N GLU A 147 -11.50 5.08 -12.30
CA GLU A 147 -12.63 5.75 -11.61
C GLU A 147 -12.20 6.30 -10.24
N ALA A 148 -11.36 5.54 -9.52
CA ALA A 148 -10.93 6.03 -8.20
C ALA A 148 -10.09 7.31 -8.38
N ILE A 149 -9.25 7.41 -9.39
CA ILE A 149 -8.40 8.56 -9.58
C ILE A 149 -9.28 9.79 -9.82
N SER A 150 -10.29 9.61 -10.65
CA SER A 150 -11.26 10.76 -10.84
C SER A 150 -11.94 11.14 -9.53
N ALA A 151 -12.39 10.15 -8.73
CA ALA A 151 -13.13 10.40 -7.50
C ALA A 151 -12.26 11.20 -6.56
N LEU A 152 -10.98 10.81 -6.46
CA LEU A 152 -10.14 11.54 -5.49
C LEU A 152 -9.89 12.94 -5.99
N TYR A 153 -9.80 13.13 -7.32
CA TYR A 153 -9.48 14.38 -7.88
C TYR A 153 -10.69 15.37 -7.62
N TYR A 154 -11.92 14.87 -7.72
CA TYR A 154 -13.10 15.78 -7.60
C TYR A 154 -13.53 15.99 -6.14
N TYR A 155 -12.84 15.46 -5.12
CA TYR A 155 -13.37 15.55 -3.74
C TYR A 155 -13.49 17.01 -3.21
N SER A 156 -12.48 17.80 -3.52
CA SER A 156 -12.35 19.25 -3.26
C SER A 156 -13.65 19.96 -3.48
N THR A 157 -14.32 19.57 -4.59
CA THR A 157 -15.32 20.47 -5.20
C THR A 157 -16.73 19.96 -4.92
N GLY A 158 -16.84 18.96 -4.07
CA GLY A 158 -18.16 18.40 -3.71
C GLY A 158 -18.74 17.37 -4.63
N GLY A 159 -17.95 17.05 -5.66
CA GLY A 159 -18.32 16.05 -6.64
C GLY A 159 -18.36 14.66 -6.18
N THR A 160 -17.49 14.36 -5.18
CA THR A 160 -17.37 13.02 -4.67
C THR A 160 -17.96 12.89 -3.31
N GLN A 161 -18.92 12.00 -3.13
CA GLN A 161 -19.49 11.78 -1.80
C GLN A 161 -18.48 10.98 -0.93
N LEU A 162 -18.53 11.16 0.40
CA LEU A 162 -17.69 10.37 1.30
C LEU A 162 -17.62 8.86 1.03
N PRO A 163 -18.77 8.19 0.86
CA PRO A 163 -18.71 6.78 0.67
C PRO A 163 -17.85 6.48 -0.55
N THR A 164 -18.00 7.29 -1.61
CA THR A 164 -17.25 7.05 -2.88
C THR A 164 -15.74 7.35 -2.70
N LEU A 165 -15.43 8.38 -1.94
CA LEU A 165 -14.02 8.66 -1.60
C LEU A 165 -13.38 7.49 -0.84
N ALA A 166 -14.08 6.97 0.20
CA ALA A 166 -13.52 5.85 1.03
C ALA A 166 -13.36 4.60 0.14
N ARG A 167 -14.30 4.33 -0.76
CA ARG A 167 -14.21 3.18 -1.64
C ARG A 167 -12.97 3.32 -2.53
N SER A 168 -12.75 4.53 -3.00
CA SER A 168 -11.69 4.90 -3.99
C SER A 168 -10.37 4.70 -3.21
N PHE A 169 -10.28 5.14 -1.94
CA PHE A 169 -9.04 4.78 -1.18
C PHE A 169 -8.81 3.28 -1.10
N ILE A 170 -9.86 2.52 -0.76
CA ILE A 170 -9.79 1.07 -0.69
C ILE A 170 -9.22 0.47 -1.98
N ILE A 171 -9.68 0.97 -3.14
CA ILE A 171 -9.09 0.51 -4.42
C ILE A 171 -7.60 0.86 -4.55
N CYS A 172 -7.25 2.09 -4.26
CA CYS A 172 -5.86 2.53 -4.44
C CYS A 172 -4.95 1.74 -3.54
N ILE A 173 -5.35 1.61 -2.29
CA ILE A 173 -4.42 0.97 -1.31
C ILE A 173 -4.18 -0.45 -1.74
N GLN A 174 -5.19 -1.21 -2.20
CA GLN A 174 -4.93 -2.61 -2.55
C GLN A 174 -4.15 -2.70 -3.85
N MET A 175 -4.38 -1.80 -4.75
CA MET A 175 -3.71 -1.92 -6.09
C MET A 175 -2.29 -1.37 -6.08
N ILE A 176 -1.94 -0.65 -5.04
CA ILE A 176 -0.59 -0.07 -4.99
C ILE A 176 0.15 -0.66 -3.75
N SER A 177 -0.28 -0.34 -2.53
CA SER A 177 0.41 -0.85 -1.32
C SER A 177 0.35 -2.39 -1.16
N GLU A 178 -0.84 -2.96 -1.29
CA GLU A 178 -0.89 -4.39 -1.15
C GLU A 178 -0.21 -5.13 -2.25
N ALA A 179 -0.27 -4.63 -3.50
CA ALA A 179 0.52 -5.25 -4.53
C ALA A 179 2.04 -5.11 -4.34
N ALA A 180 2.51 -3.98 -3.80
CA ALA A 180 3.92 -3.89 -3.46
C ALA A 180 4.31 -4.89 -2.34
N ARG A 181 3.42 -5.07 -1.37
CA ARG A 181 3.72 -5.94 -0.24
C ARG A 181 3.74 -7.42 -0.69
N PHE A 182 2.90 -7.82 -1.65
CA PHE A 182 2.69 -9.24 -1.95
C PHE A 182 2.77 -9.48 -3.48
N GLN A 183 3.77 -10.22 -3.91
CA GLN A 183 3.72 -10.65 -5.33
C GLN A 183 2.48 -11.36 -5.64
N TYR A 184 1.86 -12.09 -4.70
CA TYR A 184 0.64 -12.73 -5.04
C TYR A 184 -0.49 -11.71 -5.46
N ILE A 185 -0.57 -10.57 -4.73
CA ILE A 185 -1.64 -9.60 -4.95
C ILE A 185 -1.24 -8.81 -6.23
N GLU A 186 0.03 -8.55 -6.49
CA GLU A 186 0.44 -7.95 -7.74
C GLU A 186 -0.06 -8.87 -8.89
N GLY A 187 0.14 -10.17 -8.73
CA GLY A 187 -0.31 -11.16 -9.78
C GLY A 187 -1.83 -11.09 -10.00
N GLU A 188 -2.61 -11.00 -8.92
CA GLU A 188 -4.07 -10.84 -9.00
C GLU A 188 -4.44 -9.62 -9.78
N MET A 189 -3.73 -8.51 -9.55
CA MET A 189 -4.06 -7.27 -10.29
C MET A 189 -3.62 -7.45 -11.74
N ARG A 190 -2.48 -8.08 -12.01
CA ARG A 190 -2.00 -8.31 -13.44
C ARG A 190 -3.10 -9.07 -14.18
N THR A 191 -3.67 -10.13 -13.57
CA THR A 191 -4.77 -10.86 -14.25
C THR A 191 -5.91 -9.92 -14.64
N ARG A 192 -6.35 -9.05 -13.73
CA ARG A 192 -7.53 -8.26 -14.00
C ARG A 192 -7.22 -7.25 -15.14
N ILE A 193 -5.99 -6.73 -15.14
CA ILE A 193 -5.52 -5.76 -16.17
C ILE A 193 -5.39 -6.47 -17.52
N ARG A 194 -4.78 -7.64 -17.50
CA ARG A 194 -4.56 -8.39 -18.77
C ARG A 194 -5.90 -8.58 -19.48
N TYR A 195 -6.93 -9.03 -18.79
CA TYR A 195 -8.27 -9.32 -19.40
C TYR A 195 -9.24 -8.16 -19.36
N ASN A 196 -8.78 -7.00 -18.84
CA ASN A 196 -9.66 -5.84 -18.58
C ASN A 196 -11.02 -6.22 -17.99
N ARG A 197 -10.96 -7.05 -16.94
CA ARG A 197 -12.08 -7.53 -16.20
C ARG A 197 -11.92 -7.26 -14.71
N ARG A 198 -12.71 -6.32 -14.24
CA ARG A 198 -12.81 -6.02 -12.78
C ARG A 198 -13.45 -7.10 -11.95
N SER A 199 -12.92 -7.31 -10.74
CA SER A 199 -13.55 -8.28 -9.85
C SER A 199 -13.09 -8.00 -8.44
N ALA A 200 -13.98 -8.31 -7.48
CA ALA A 200 -13.63 -8.15 -6.07
C ALA A 200 -12.57 -9.13 -5.65
N PRO A 201 -11.76 -8.76 -4.62
CA PRO A 201 -10.75 -9.74 -4.15
C PRO A 201 -11.35 -11.01 -3.44
N ASP A 202 -10.77 -12.14 -3.73
CA ASP A 202 -11.26 -13.41 -3.13
C ASP A 202 -10.59 -13.57 -1.76
N PRO A 203 -10.97 -14.61 -1.00
CA PRO A 203 -10.42 -14.81 0.34
C PRO A 203 -8.91 -14.94 0.35
N SER A 204 -8.26 -15.49 -0.69
CA SER A 204 -6.79 -15.59 -0.68
C SER A 204 -6.17 -14.16 -0.54
N VAL A 205 -6.67 -13.18 -1.29
CA VAL A 205 -6.24 -11.79 -1.19
C VAL A 205 -6.57 -11.16 0.14
N ILE A 206 -7.83 -11.29 0.58
CA ILE A 206 -8.21 -10.67 1.79
C ILE A 206 -7.42 -11.24 3.01
N THR A 207 -7.22 -12.58 3.09
CA THR A 207 -6.54 -13.12 4.29
C THR A 207 -5.05 -12.79 4.30
N LEU A 208 -4.46 -12.62 3.10
CA LEU A 208 -3.05 -12.13 3.03
C LEU A 208 -2.99 -10.69 3.57
N GLU A 209 -3.91 -9.80 3.08
CA GLU A 209 -3.91 -8.40 3.54
C GLU A 209 -4.07 -8.33 5.03
N ASN A 210 -5.01 -9.18 5.54
CA ASN A 210 -5.25 -9.07 6.97
C ASN A 210 -4.11 -9.58 7.80
N SER A 211 -3.26 -10.43 7.19
CA SER A 211 -2.24 -11.15 7.93
C SER A 211 -0.84 -10.56 7.75
N TRP A 212 -0.71 -9.43 7.06
CA TRP A 212 0.68 -8.94 6.70
C TRP A 212 1.55 -8.69 7.91
N GLY A 213 1.00 -7.99 8.89
CA GLY A 213 1.79 -7.75 10.12
C GLY A 213 2.16 -9.03 10.85
N ARG A 214 1.20 -9.94 10.99
CA ARG A 214 1.44 -11.21 11.65
C ARG A 214 2.43 -12.06 10.91
N LEU A 215 2.36 -12.10 9.58
CA LEU A 215 3.33 -12.87 8.85
C LEU A 215 4.73 -12.23 8.96
N SER A 216 4.81 -10.92 8.97
CA SER A 216 6.11 -10.23 9.11
C SER A 216 6.72 -10.58 10.43
N THR A 217 5.91 -10.57 11.49
CA THR A 217 6.46 -10.89 12.79
C THR A 217 6.81 -12.41 12.88
N ALA A 218 5.93 -13.29 12.38
CA ALA A 218 6.23 -14.73 12.46
C ALA A 218 7.55 -15.08 11.68
N ILE A 219 7.76 -14.42 10.51
CA ILE A 219 9.01 -14.68 9.79
C ILE A 219 10.23 -14.18 10.56
N GLN A 220 10.10 -13.01 11.13
CA GLN A 220 11.25 -12.41 11.80
C GLN A 220 11.57 -13.09 13.12
N GLU A 221 10.56 -13.65 13.78
CA GLU A 221 10.75 -14.41 15.05
C GLU A 221 10.99 -15.88 14.85
N SER A 222 10.98 -16.33 13.58
CA SER A 222 11.10 -17.79 13.32
C SER A 222 12.42 -18.36 13.75
N ASN A 223 12.42 -19.69 13.97
CA ASN A 223 13.65 -20.37 14.24
C ASN A 223 14.15 -20.97 12.92
N GLN A 224 15.17 -20.28 12.35
CA GLN A 224 15.67 -20.68 10.99
C GLN A 224 14.61 -20.84 9.96
N GLY A 225 13.51 -20.06 10.09
CA GLY A 225 12.44 -20.09 9.12
C GLY A 225 11.19 -20.80 9.62
N ALA A 226 11.30 -21.59 10.71
CA ALA A 226 10.18 -22.36 11.20
C ALA A 226 9.36 -21.53 12.18
N PHE A 227 8.07 -21.46 11.92
CA PHE A 227 7.19 -20.67 12.82
C PHE A 227 6.96 -21.45 14.14
N ALA A 228 6.96 -20.72 15.28
CA ALA A 228 6.51 -21.41 16.53
C ALA A 228 5.09 -21.76 16.51
N SER A 229 4.26 -20.90 15.89
CA SER A 229 2.82 -21.12 15.81
C SER A 229 2.46 -20.94 14.37
N PRO A 230 1.80 -21.92 13.81
CA PRO A 230 1.31 -21.71 12.42
C PRO A 230 0.33 -20.60 12.25
N ILE A 231 0.28 -20.07 11.03
CA ILE A 231 -0.71 -19.00 10.68
C ILE A 231 -1.68 -19.55 9.65
N GLN A 232 -2.98 -19.28 9.85
CA GLN A 232 -3.92 -19.85 8.92
C GLN A 232 -4.33 -18.79 7.86
N LEU A 233 -4.14 -19.14 6.62
CA LEU A 233 -4.68 -18.25 5.56
C LEU A 233 -5.85 -18.94 4.88
N GLN A 234 -6.40 -18.34 3.83
CA GLN A 234 -7.37 -19.03 3.02
C GLN A 234 -6.97 -19.11 1.58
N ARG A 235 -7.35 -20.20 0.91
CA ARG A 235 -7.22 -20.31 -0.55
C ARG A 235 -8.39 -19.55 -1.20
N ARG A 236 -8.31 -19.40 -2.52
CA ARG A 236 -9.35 -18.76 -3.32
C ARG A 236 -10.75 -19.21 -3.03
N ASN A 237 -10.92 -20.53 -2.85
CA ASN A 237 -12.22 -21.10 -2.61
C ASN A 237 -12.62 -20.98 -1.15
N GLY A 238 -11.81 -20.28 -0.32
CA GLY A 238 -12.13 -20.07 1.10
C GLY A 238 -11.64 -21.16 2.07
N SER A 239 -11.13 -22.26 1.51
CA SER A 239 -10.65 -23.34 2.40
C SER A 239 -9.37 -22.93 3.12
N LYS A 240 -9.12 -23.50 4.30
CA LYS A 240 -7.95 -23.11 5.12
C LYS A 240 -6.62 -23.64 4.57
N PHE A 241 -5.57 -22.84 4.75
CA PHE A 241 -4.21 -23.17 4.26
C PHE A 241 -3.31 -22.80 5.44
N SER A 242 -2.63 -23.79 6.00
CA SER A 242 -1.72 -23.52 7.15
C SER A 242 -0.34 -23.23 6.67
N VAL A 243 0.24 -22.16 7.25
CA VAL A 243 1.65 -21.71 6.95
C VAL A 243 2.48 -22.03 8.17
N TYR A 244 3.50 -22.90 7.98
CA TYR A 244 4.36 -23.35 9.09
C TYR A 244 5.75 -22.75 8.97
N ASP A 245 6.08 -22.16 7.80
CA ASP A 245 7.50 -21.84 7.51
C ASP A 245 7.53 -20.71 6.49
N VAL A 246 8.63 -20.01 6.55
CA VAL A 246 8.82 -18.95 5.57
C VAL A 246 8.92 -19.44 4.13
N SER A 247 9.39 -20.68 3.96
CA SER A 247 9.68 -21.16 2.60
C SER A 247 8.52 -20.97 1.62
N ILE A 248 7.28 -21.28 2.07
CA ILE A 248 6.09 -21.31 1.20
C ILE A 248 5.69 -19.84 0.89
N LEU A 249 6.24 -18.88 1.65
CA LEU A 249 5.84 -17.46 1.48
C LEU A 249 6.83 -16.74 0.57
N ILE A 250 7.97 -17.31 0.21
CA ILE A 250 8.97 -16.60 -0.65
C ILE A 250 8.37 -16.12 -1.98
N PRO A 251 7.53 -16.93 -2.66
CA PRO A 251 6.85 -16.53 -3.89
C PRO A 251 5.67 -15.53 -3.68
N ILE A 252 5.26 -15.32 -2.38
CA ILE A 252 4.01 -14.70 -2.08
C ILE A 252 4.19 -13.30 -1.49
N ILE A 253 5.09 -13.15 -0.52
CA ILE A 253 5.28 -11.86 0.16
C ILE A 253 6.57 -11.24 -0.35
N ALA A 254 6.45 -9.98 -0.78
CA ALA A 254 7.57 -9.26 -1.27
C ALA A 254 8.26 -8.32 -0.35
N LEU A 255 7.60 -7.85 0.68
CA LEU A 255 8.15 -6.90 1.64
C LEU A 255 7.52 -7.18 3.00
N MET A 256 8.29 -7.05 4.05
CA MET A 256 7.76 -7.11 5.42
C MET A 256 7.94 -5.78 6.15
N VAL A 257 7.08 -5.52 7.12
CA VAL A 257 7.30 -4.38 8.08
C VAL A 257 8.39 -4.81 9.08
N TYR A 258 9.26 -3.87 9.45
CA TYR A 258 10.32 -4.17 10.44
C TYR A 258 9.69 -4.36 11.81
N ARG A 259 9.95 -5.53 12.40
CA ARG A 259 9.42 -5.81 13.76
C ARG A 259 10.46 -5.94 14.80
N CYS A 260 11.51 -6.69 14.49
CA CYS A 260 12.47 -7.11 15.51
C CYS A 260 13.80 -6.93 14.82
N ALA A 261 14.87 -6.70 15.59
CA ALA A 261 16.22 -6.80 15.00
C ALA A 261 16.54 -8.28 14.59
N PRO A 262 17.25 -8.52 13.45
CA PRO A 262 17.63 -9.92 12.99
C PRO A 262 18.68 -10.47 13.94
N PRO A 263 18.47 -11.70 14.37
CA PRO A 263 19.39 -12.34 15.28
C PRO A 263 20.72 -12.59 14.57
N PRO A 264 21.83 -12.61 15.32
CA PRO A 264 23.14 -12.96 14.80
C PRO A 264 23.13 -14.18 13.90
N SER A 265 23.86 -14.04 12.78
CA SER A 265 24.19 -15.17 11.88
C SER A 265 23.56 -15.16 10.46
N SER A 266 23.12 -13.99 9.93
CA SER A 266 22.36 -14.00 8.60
C SER A 266 22.55 -12.99 7.40
N GLN A 267 23.18 -11.81 7.59
CA GLN A 267 23.57 -10.97 6.40
C GLN A 267 25.11 -10.79 6.13
N PHE A 268 25.91 -11.51 6.93
CA PHE A 268 27.25 -12.07 6.57
C PHE A 268 27.07 -13.49 5.94
#